data_6NQM
#
_entry.id   6NQM
#
_cell.length_a   189.401
_cell.length_b   189.401
_cell.length_c   107.104
_cell.angle_alpha   90.00
_cell.angle_beta   90.00
_cell.angle_gamma   120.00
#
_symmetry.space_group_name_H-M   'P 61 2 2'
#
loop_
_entity.id
_entity.type
_entity.pdbx_description
1 polymer 'Lysine-specific histone demethylase 1A'
2 non-polymer 'FLAVIN-ADENINE DINUCLEOTIDE'
#
_entity_poly.entity_id   1
_entity_poly.type   'polypeptide(L)'
_entity_poly.pdbx_seq_one_letter_code
;GVEGAAFQSRLPHDRMTSQEAACFPDIISGPQQTQKVFLFIRNRTLQLWLDNPKIQLTFEATLQQLEAPYNSDTVLVHRV
HSYLERHGLINFGIYKRIKPLPTKKTGKVIIIGSGVSGLAAARQLQSFGMDVTLLEARDRVGGRVATFRKGNYVADLGAM
VVTGLGGNPMAVVSKQVNMELAKIKQKCPLYEANGQAVPKEKDEMVEQEFNRLLEATSYLSHQLDFNVLNNKPVSLGQAL
EVVIQLQEKHVKDEQIEHWKKIVKTQEELKELLNKMVNLKEKIKELHQQYKEASEVKPPRDITAEFLVKSKHRDLTALCK
EYDELAETQGKLEEKLQELEANPPSDVYLSSRDRQILDWHFANLEFANATPLSTLSLKHWDQDDDFEFTGSHLTVRNGYS
CVPVALAEGLDIKLNTAVRQVRYTASGCEVIAVNTRSTSQTFIYKCDAVLCTLPLGVLKQQPPAVQFVPPLPEWKTSAVQ
RMGFGNLNKVVLCFDRVFWDPSVNLFGHVGSTTASRGELFLFWNLYKAPILLALVAGEAAGIMENISDDVIVGRCLAILK
GIFGSSAVPQPKETVVSRWRADPWARGSYSYVAAGSSGNDYDLMAQPITPGPSIPGAPQPIPRLFFAGEHTIRNYPATVH
GALLSGLREAGRIADQFL
;
_entity_poly.pdbx_strand_id   A
#
# COMPACT_ATOMS: atom_id res chain seq x y z
N GLY A 1 -6.38 -16.86 24.65
CA GLY A 1 -5.31 -16.91 25.62
C GLY A 1 -3.98 -17.28 24.98
N VAL A 2 -3.56 -18.54 25.17
CA VAL A 2 -2.36 -19.03 24.50
C VAL A 2 -2.56 -19.07 22.99
N GLU A 3 -3.81 -19.22 22.53
CA GLU A 3 -4.07 -19.20 21.10
C GLU A 3 -3.72 -17.84 20.49
N GLY A 4 -3.85 -16.77 21.26
CA GLY A 4 -3.66 -15.43 20.70
C GLY A 4 -2.22 -15.01 20.56
N ALA A 5 -1.34 -15.55 21.41
CA ALA A 5 0.08 -15.20 21.31
C ALA A 5 0.66 -15.65 19.97
N ALA A 6 0.28 -16.85 19.51
CA ALA A 6 0.77 -17.35 18.23
C ALA A 6 0.30 -16.45 17.08
N PHE A 7 -0.96 -16.02 17.13
CA PHE A 7 -1.46 -15.08 16.14
C PHE A 7 -0.65 -13.79 16.16
N GLN A 8 -0.45 -13.23 17.36
CA GLN A 8 0.34 -12.02 17.51
C GLN A 8 1.78 -12.22 17.03
N SER A 9 2.23 -13.46 16.92
CA SER A 9 3.55 -13.78 16.40
C SER A 9 3.53 -14.22 14.94
N ARG A 10 2.39 -14.11 14.27
CA ARG A 10 2.26 -14.49 12.86
C ARG A 10 2.53 -15.98 12.67
N LEU A 11 2.06 -16.80 13.60
CA LEU A 11 2.22 -18.24 13.53
C LEU A 11 0.89 -18.93 13.71
N PRO A 12 0.74 -20.16 13.21
CA PRO A 12 -0.47 -20.94 13.48
C PRO A 12 -0.39 -21.59 14.86
N HIS A 13 -1.46 -21.50 15.63
CA HIS A 13 -1.44 -22.00 17.00
C HIS A 13 -1.46 -23.53 17.07
N ASP A 14 -1.94 -24.20 16.03
CA ASP A 14 -2.08 -25.65 16.05
C ASP A 14 -1.18 -26.35 15.02
N ARG A 15 -0.15 -25.66 14.52
CA ARG A 15 0.72 -26.22 13.50
C ARG A 15 2.17 -25.87 13.80
N MET A 16 3.08 -26.55 13.11
CA MET A 16 4.51 -26.28 13.19
C MET A 16 5.00 -25.71 11.87
N THR A 17 5.81 -24.65 11.96
CA THR A 17 6.31 -23.97 10.78
C THR A 17 7.36 -24.81 10.07
N SER A 18 7.65 -24.44 8.82
CA SER A 18 8.76 -25.05 8.10
C SER A 18 10.06 -24.89 8.87
N GLN A 19 10.32 -23.68 9.35
CA GLN A 19 11.52 -23.42 10.14
C GLN A 19 11.57 -24.30 11.38
N GLU A 20 10.46 -24.39 12.11
CA GLU A 20 10.45 -25.19 13.32
C GLU A 20 10.64 -26.67 13.03
N ALA A 21 10.05 -27.15 11.93
CA ALA A 21 10.29 -28.53 11.53
C ALA A 21 11.76 -28.75 11.21
N ALA A 22 12.41 -27.75 10.62
CA ALA A 22 13.83 -27.87 10.31
C ALA A 22 14.67 -27.90 11.58
N CYS A 23 14.37 -27.02 12.55
CA CYS A 23 15.15 -26.94 13.78
C CYS A 23 14.82 -28.04 14.76
N PHE A 24 13.62 -28.63 14.69
CA PHE A 24 13.19 -29.66 15.62
C PHE A 24 12.76 -30.90 14.86
N PRO A 25 13.66 -31.49 14.07
CA PRO A 25 13.28 -32.69 13.30
C PRO A 25 12.91 -33.87 14.19
N ASP A 26 13.45 -33.93 15.40
CA ASP A 26 13.09 -35.02 16.30
C ASP A 26 11.62 -34.95 16.70
N ILE A 27 11.05 -33.75 16.79
CA ILE A 27 9.67 -33.60 17.22
C ILE A 27 8.71 -33.85 16.07
N ILE A 28 9.01 -33.32 14.88
CA ILE A 28 8.10 -33.50 13.76
C ILE A 28 8.06 -34.98 13.34
N SER A 29 9.23 -35.62 13.27
CA SER A 29 9.28 -37.04 12.93
C SER A 29 8.91 -37.93 14.09
N GLY A 30 8.74 -37.38 15.29
CA GLY A 30 8.35 -38.16 16.45
C GLY A 30 6.85 -38.21 16.61
N PRO A 31 6.39 -38.68 17.76
CA PRO A 31 4.95 -38.78 18.01
C PRO A 31 4.29 -37.41 18.06
N GLN A 32 3.00 -37.39 17.71
CA GLN A 32 2.23 -36.15 17.72
C GLN A 32 2.02 -35.61 19.13
N GLN A 33 2.07 -36.46 20.15
CA GLN A 33 1.94 -36.00 21.53
C GLN A 33 3.08 -35.04 21.87
N THR A 34 4.31 -35.42 21.53
CA THR A 34 5.43 -34.51 21.71
C THR A 34 5.23 -33.21 20.95
N GLN A 35 4.57 -33.28 19.78
CA GLN A 35 4.31 -32.06 19.01
C GLN A 35 3.34 -31.14 19.75
N LYS A 36 2.29 -31.70 20.34
CA LYS A 36 1.35 -30.87 21.10
C LYS A 36 2.06 -30.21 22.29
N VAL A 37 2.91 -30.97 22.98
CA VAL A 37 3.65 -30.39 24.11
C VAL A 37 4.57 -29.27 23.62
N PHE A 38 5.30 -29.52 22.54
CA PHE A 38 6.15 -28.49 21.94
C PHE A 38 5.36 -27.22 21.67
N LEU A 39 4.20 -27.36 21.05
CA LEU A 39 3.42 -26.19 20.66
C LEU A 39 2.91 -25.43 21.88
N PHE A 40 2.51 -26.15 22.94
CA PHE A 40 2.08 -25.41 24.13
C PHE A 40 3.25 -24.66 24.76
N ILE A 41 4.42 -25.30 24.85
CA ILE A 41 5.58 -24.60 25.40
C ILE A 41 5.85 -23.33 24.60
N ARG A 42 5.80 -23.44 23.26
CA ARG A 42 6.08 -22.30 22.40
C ARG A 42 5.06 -21.17 22.60
N ASN A 43 3.76 -21.52 22.52
CA ASN A 43 2.72 -20.51 22.65
C ASN A 43 2.77 -19.85 24.02
N ARG A 44 2.97 -20.63 25.08
CA ARG A 44 3.01 -20.07 26.43
C ARG A 44 4.21 -19.14 26.60
N THR A 45 5.38 -19.51 26.06
CA THR A 45 6.53 -18.63 26.11
C THR A 45 6.23 -17.31 25.42
N LEU A 46 5.66 -17.38 24.21
CA LEU A 46 5.30 -16.15 23.50
C LEU A 46 4.34 -15.30 24.31
N GLN A 47 3.37 -15.94 24.98
CA GLN A 47 2.43 -15.18 25.80
C GLN A 47 3.15 -14.51 26.96
N LEU A 48 4.10 -15.20 27.59
CA LEU A 48 4.84 -14.59 28.69
C LEU A 48 5.56 -13.34 28.23
N TRP A 49 6.23 -13.41 27.07
CA TRP A 49 6.93 -12.24 26.55
C TRP A 49 5.95 -11.12 26.19
N LEU A 50 4.83 -11.46 25.55
CA LEU A 50 3.92 -10.43 25.05
C LEU A 50 3.13 -9.78 26.17
N ASP A 51 2.80 -10.52 27.23
CA ASP A 51 2.16 -9.94 28.40
C ASP A 51 3.04 -8.84 28.99
N ASN A 52 4.36 -9.05 28.98
CA ASN A 52 5.32 -8.08 29.51
C ASN A 52 6.53 -8.07 28.61
N PRO A 53 6.51 -7.29 27.53
CA PRO A 53 7.68 -7.18 26.64
C PRO A 53 8.67 -6.11 27.04
N LYS A 54 8.46 -5.43 28.17
CA LYS A 54 9.38 -4.40 28.63
C LYS A 54 10.61 -4.97 29.32
N ILE A 55 10.60 -6.25 29.67
CA ILE A 55 11.72 -6.89 30.34
C ILE A 55 12.09 -8.16 29.59
N GLN A 56 13.39 -8.42 29.47
CA GLN A 56 13.84 -9.69 28.89
C GLN A 56 13.09 -10.85 29.51
N LEU A 57 12.79 -11.86 28.69
CA LEU A 57 12.20 -13.10 29.17
C LEU A 57 13.28 -14.17 29.14
N THR A 58 13.71 -14.60 30.32
CA THR A 58 14.80 -15.55 30.46
C THR A 58 14.27 -16.98 30.49
N PHE A 59 15.17 -17.93 30.23
CA PHE A 59 14.83 -19.35 30.32
C PHE A 59 14.36 -19.69 31.74
N GLU A 60 15.08 -19.17 32.74
CA GLU A 60 14.71 -19.41 34.14
C GLU A 60 13.28 -18.93 34.41
N ALA A 61 12.97 -17.69 34.02
CA ALA A 61 11.63 -17.18 34.20
C ALA A 61 10.61 -18.05 33.49
N THR A 62 10.91 -18.43 32.24
CA THR A 62 9.98 -19.27 31.49
C THR A 62 9.66 -20.55 32.25
N LEU A 63 10.67 -21.18 32.85
CA LEU A 63 10.40 -22.38 33.65
C LEU A 63 9.57 -22.04 34.88
N GLN A 64 9.87 -20.92 35.54
CA GLN A 64 9.16 -20.57 36.76
C GLN A 64 7.68 -20.31 36.52
N GLN A 65 7.36 -19.63 35.42
CA GLN A 65 5.99 -19.23 35.12
C GLN A 65 5.22 -20.28 34.32
N LEU A 66 5.83 -21.42 34.03
CA LEU A 66 5.20 -22.42 33.18
C LEU A 66 4.17 -23.24 33.96
N GLU A 67 3.28 -23.86 33.20
CA GLU A 67 2.29 -24.78 33.76
C GLU A 67 3.00 -25.97 34.40
N ALA A 68 2.28 -26.67 35.28
CA ALA A 68 2.87 -27.74 36.06
C ALA A 68 3.34 -28.93 35.22
N PRO A 69 2.58 -29.40 34.22
CA PRO A 69 3.07 -30.56 33.45
C PRO A 69 4.30 -30.25 32.63
N TYR A 70 4.36 -29.06 32.03
CA TYR A 70 5.38 -28.74 31.06
C TYR A 70 6.67 -28.24 31.70
N ASN A 71 6.57 -27.65 32.90
CA ASN A 71 7.76 -27.19 33.60
C ASN A 71 8.65 -28.33 34.07
N SER A 72 8.15 -29.58 34.03
CA SER A 72 9.00 -30.73 34.33
C SER A 72 10.03 -30.95 33.23
N ASP A 73 9.61 -30.85 31.97
CA ASP A 73 10.50 -31.09 30.83
C ASP A 73 11.30 -29.82 30.58
N THR A 74 12.53 -29.78 31.10
CA THR A 74 13.36 -28.59 31.01
C THR A 74 14.22 -28.54 29.75
N VAL A 75 14.63 -29.68 29.21
CA VAL A 75 15.45 -29.66 28.00
C VAL A 75 14.63 -29.15 26.83
N LEU A 76 13.37 -29.60 26.72
CA LEU A 76 12.51 -29.11 25.65
C LEU A 76 12.21 -27.63 25.83
N VAL A 77 11.93 -27.20 27.07
CA VAL A 77 11.70 -25.79 27.32
C VAL A 77 12.92 -24.97 26.91
N HIS A 78 14.13 -25.47 27.19
CA HIS A 78 15.31 -24.72 26.82
C HIS A 78 15.49 -24.66 25.31
N ARG A 79 15.31 -25.79 24.63
CA ARG A 79 15.40 -25.79 23.18
C ARG A 79 14.43 -24.78 22.58
N VAL A 80 13.20 -24.74 23.08
CA VAL A 80 12.18 -23.84 22.56
C VAL A 80 12.56 -22.39 22.84
N HIS A 81 13.00 -22.10 24.07
CA HIS A 81 13.37 -20.73 24.41
C HIS A 81 14.53 -20.25 23.55
N SER A 82 15.54 -21.10 23.35
CA SER A 82 16.67 -20.72 22.51
C SER A 82 16.21 -20.45 21.07
N TYR A 83 15.39 -21.36 20.53
CA TYR A 83 14.87 -21.15 19.17
C TYR A 83 14.18 -19.80 19.06
N LEU A 84 13.25 -19.51 19.97
CA LEU A 84 12.49 -18.27 19.87
C LEU A 84 13.39 -17.05 20.06
N GLU A 85 14.32 -17.11 21.00
CA GLU A 85 15.17 -15.96 21.27
C GLU A 85 16.08 -15.65 20.08
N ARG A 86 16.57 -16.70 19.41
CA ARG A 86 17.49 -16.48 18.29
C ARG A 86 16.81 -15.79 17.13
N HIS A 87 15.59 -16.21 16.79
CA HIS A 87 14.89 -15.67 15.62
C HIS A 87 14.15 -14.37 15.90
N GLY A 88 14.32 -13.79 17.08
CA GLY A 88 13.73 -12.50 17.37
C GLY A 88 12.25 -12.52 17.62
N LEU A 89 11.73 -13.60 18.19
CA LEU A 89 10.32 -13.71 18.51
C LEU A 89 10.00 -13.38 19.96
N ILE A 90 10.94 -13.57 20.90
CA ILE A 90 10.67 -13.30 22.31
C ILE A 90 11.56 -12.22 22.90
N ASN A 91 12.73 -11.95 22.36
CA ASN A 91 13.63 -10.95 22.95
C ASN A 91 14.12 -10.02 21.85
N PHE A 92 13.21 -9.16 21.37
CA PHE A 92 13.51 -8.20 20.33
C PHE A 92 13.00 -6.83 20.75
N GLY A 93 13.61 -5.79 20.20
CA GLY A 93 13.25 -4.41 20.54
C GLY A 93 14.07 -3.89 21.71
N ILE A 94 13.53 -2.86 22.38
CA ILE A 94 14.16 -2.30 23.57
C ILE A 94 13.56 -2.99 24.79
N TYR A 95 14.41 -3.64 25.58
CA TYR A 95 13.97 -4.29 26.80
C TYR A 95 15.05 -4.15 27.86
N LYS A 96 14.62 -4.23 29.11
CA LYS A 96 15.56 -4.19 30.24
C LYS A 96 16.17 -5.57 30.40
N ARG A 97 17.49 -5.66 30.21
CA ARG A 97 18.18 -6.92 30.38
C ARG A 97 18.36 -7.21 31.86
N ILE A 98 17.99 -8.42 32.29
CA ILE A 98 18.14 -8.78 33.70
C ILE A 98 19.59 -9.11 34.02
N LYS A 99 20.37 -9.48 33.01
CA LYS A 99 21.81 -9.76 33.17
C LYS A 99 22.58 -8.91 32.16
N PRO A 100 23.55 -8.11 32.60
CA PRO A 100 24.33 -7.31 31.64
C PRO A 100 25.01 -8.17 30.59
N LEU A 101 25.37 -7.53 29.49
CA LEU A 101 26.01 -8.22 28.38
C LEU A 101 27.45 -8.59 28.75
N PRO A 102 27.94 -9.74 28.25
CA PRO A 102 29.32 -10.12 28.58
C PRO A 102 30.31 -9.16 27.94
N THR A 103 31.39 -8.86 28.66
CA THR A 103 32.39 -7.94 28.14
C THR A 103 33.08 -8.52 26.92
N LYS A 104 33.27 -9.84 26.87
CA LYS A 104 33.91 -10.49 25.74
C LYS A 104 32.89 -10.67 24.61
N LYS A 105 33.22 -10.17 23.43
CA LYS A 105 32.33 -10.19 22.26
C LYS A 105 32.92 -11.11 21.20
N THR A 106 32.05 -11.88 20.53
CA THR A 106 32.46 -13.06 19.78
C THR A 106 32.50 -12.86 18.27
N GLY A 107 32.18 -11.68 17.76
CA GLY A 107 32.24 -11.45 16.33
C GLY A 107 32.10 -9.99 15.99
N LYS A 108 32.61 -9.63 14.82
CA LYS A 108 32.59 -8.24 14.35
C LYS A 108 31.73 -8.14 13.11
N VAL A 109 30.64 -7.37 13.23
CA VAL A 109 29.70 -7.12 12.14
C VAL A 109 29.61 -5.62 11.93
N ILE A 110 29.78 -5.18 10.69
CA ILE A 110 29.49 -3.81 10.30
C ILE A 110 28.12 -3.80 9.63
N ILE A 111 27.24 -2.92 10.11
CA ILE A 111 25.90 -2.78 9.56
C ILE A 111 25.83 -1.44 8.84
N ILE A 112 25.50 -1.48 7.55
CA ILE A 112 25.37 -0.28 6.74
C ILE A 112 23.92 0.18 6.83
N GLY A 113 23.72 1.40 7.33
CA GLY A 113 22.38 1.96 7.44
C GLY A 113 21.83 1.87 8.85
N SER A 114 21.26 2.97 9.34
CA SER A 114 20.69 3.02 10.68
C SER A 114 19.18 3.22 10.63
N GLY A 115 18.51 2.56 9.69
CA GLY A 115 17.07 2.52 9.68
C GLY A 115 16.54 1.44 10.62
N VAL A 116 15.22 1.29 10.61
CA VAL A 116 14.59 0.33 11.53
C VAL A 116 15.19 -1.06 11.35
N SER A 117 15.38 -1.50 10.11
CA SER A 117 15.99 -2.80 9.87
C SER A 117 17.39 -2.87 10.48
N GLY A 118 18.23 -1.89 10.19
CA GLY A 118 19.58 -1.88 10.73
C GLY A 118 19.60 -1.85 12.25
N LEU A 119 18.79 -0.98 12.85
CA LEU A 119 18.78 -0.87 14.30
C LEU A 119 18.29 -2.15 14.96
N ALA A 120 17.25 -2.77 14.39
CA ALA A 120 16.74 -4.01 14.95
C ALA A 120 17.81 -5.11 14.90
N ALA A 121 18.40 -5.30 13.73
CA ALA A 121 19.45 -6.31 13.59
C ALA A 121 20.61 -6.04 14.55
N ALA A 122 20.99 -4.76 14.69
CA ALA A 122 22.09 -4.41 15.58
C ALA A 122 21.75 -4.74 17.03
N ARG A 123 20.55 -4.37 17.47
CA ARG A 123 20.13 -4.68 18.82
C ARG A 123 20.14 -6.18 19.06
N GLN A 124 19.72 -6.96 18.07
CA GLN A 124 19.72 -8.41 18.22
C GLN A 124 21.15 -8.97 18.32
N LEU A 125 22.03 -8.50 17.44
CA LEU A 125 23.41 -8.99 17.47
C LEU A 125 24.10 -8.61 18.77
N GLN A 126 23.89 -7.37 19.23
CA GLN A 126 24.37 -6.96 20.54
C GLN A 126 23.82 -7.87 21.63
N SER A 127 22.51 -8.14 21.60
CA SER A 127 21.91 -9.09 22.53
C SER A 127 22.64 -10.43 22.52
N PHE A 128 23.10 -10.85 21.35
CA PHE A 128 23.78 -12.14 21.20
C PHE A 128 25.26 -12.09 21.56
N GLY A 129 25.80 -10.92 21.91
CA GLY A 129 27.17 -10.83 22.35
C GLY A 129 28.20 -10.60 21.26
N MET A 130 27.80 -10.02 20.13
CA MET A 130 28.72 -9.72 19.05
C MET A 130 29.08 -8.24 19.06
N ASP A 131 30.23 -7.92 18.49
CA ASP A 131 30.67 -6.54 18.35
C ASP A 131 30.05 -5.95 17.08
N VAL A 132 29.22 -4.93 17.25
CA VAL A 132 28.43 -4.37 16.17
C VAL A 132 28.75 -2.89 16.03
N THR A 133 28.93 -2.44 14.78
CA THR A 133 29.13 -1.03 14.47
C THR A 133 28.24 -0.67 13.30
N LEU A 134 27.48 0.41 13.44
CA LEU A 134 26.57 0.87 12.40
C LEU A 134 27.15 2.11 11.73
N LEU A 135 27.12 2.13 10.40
CA LEU A 135 27.55 3.28 9.61
C LEU A 135 26.33 3.90 8.96
N GLU A 136 26.07 5.16 9.26
CA GLU A 136 24.91 5.89 8.75
C GLU A 136 25.38 7.16 8.05
N ALA A 137 24.83 7.43 6.87
CA ALA A 137 25.24 8.60 6.10
C ALA A 137 24.60 9.88 6.64
N ARG A 138 23.34 9.79 7.10
CA ARG A 138 22.63 10.97 7.55
C ARG A 138 23.21 11.48 8.86
N ASP A 139 22.70 12.63 9.32
CA ASP A 139 23.00 13.14 10.65
C ASP A 139 21.94 12.72 11.67
N ARG A 140 21.24 11.62 11.42
CA ARG A 140 20.17 11.16 12.29
C ARG A 140 19.88 9.70 11.96
N VAL A 141 19.30 8.99 12.93
CA VAL A 141 18.89 7.61 12.72
C VAL A 141 17.46 7.58 12.23
N GLY A 142 16.99 6.41 11.80
CA GLY A 142 15.63 6.20 11.35
C GLY A 142 15.50 6.04 9.85
N GLY A 143 16.32 6.74 9.08
CA GLY A 143 16.25 6.65 7.63
C GLY A 143 14.91 7.12 7.10
N ARG A 144 14.13 6.20 6.54
CA ARG A 144 12.81 6.54 6.01
C ARG A 144 11.76 6.70 7.10
N VAL A 145 12.14 6.61 8.36
CA VAL A 145 11.31 7.09 9.47
C VAL A 145 11.91 8.45 9.84
N ALA A 146 11.35 9.51 9.27
CA ALA A 146 11.83 10.87 9.49
C ALA A 146 10.71 11.70 10.12
N THR A 147 10.99 12.30 11.26
CA THR A 147 10.01 13.13 11.97
C THR A 147 10.51 14.56 12.06
N PHE A 148 9.72 15.48 11.55
CA PHE A 148 9.92 16.91 11.70
C PHE A 148 9.37 17.38 13.03
N ARG A 149 10.19 18.11 13.78
CA ARG A 149 9.82 18.63 15.09
C ARG A 149 10.31 20.07 15.18
N LYS A 150 9.38 21.02 15.29
CA LYS A 150 9.74 22.42 15.49
C LYS A 150 8.67 23.06 16.36
N GLY A 151 9.08 23.64 17.48
CA GLY A 151 8.11 24.19 18.41
C GLY A 151 7.13 23.11 18.85
N ASN A 152 5.84 23.43 18.81
CA ASN A 152 4.80 22.49 19.17
C ASN A 152 4.50 21.49 18.06
N TYR A 153 5.07 21.68 16.88
CA TYR A 153 4.67 20.92 15.70
C TYR A 153 5.51 19.65 15.54
N VAL A 154 4.82 18.54 15.26
CA VAL A 154 5.43 17.22 15.06
C VAL A 154 4.72 16.56 13.89
N ALA A 155 5.49 16.16 12.87
CA ALA A 155 4.90 15.55 11.69
C ALA A 155 5.88 14.60 11.02
N ASP A 156 5.38 13.47 10.53
CA ASP A 156 6.24 12.47 9.89
C ASP A 156 6.33 12.76 8.39
N LEU A 157 7.55 12.92 7.89
CA LEU A 157 7.79 13.05 6.45
C LEU A 157 7.98 11.70 5.77
N GLY A 158 8.37 10.68 6.52
CA GLY A 158 8.46 9.33 5.99
C GLY A 158 7.34 8.48 6.54
N ALA A 159 7.69 7.35 7.15
CA ALA A 159 6.67 6.45 7.67
C ALA A 159 5.82 7.17 8.71
N MET A 160 4.52 6.91 8.67
CA MET A 160 3.55 7.62 9.49
C MET A 160 2.41 6.76 10.02
N VAL A 161 2.15 5.60 9.44
CA VAL A 161 1.00 4.78 9.83
C VAL A 161 1.47 3.42 10.29
N VAL A 162 0.90 2.96 11.41
CA VAL A 162 0.99 1.57 11.83
C VAL A 162 -0.25 0.87 11.28
N THR A 163 -0.04 -0.05 10.33
CA THR A 163 -1.15 -0.62 9.56
C THR A 163 -1.78 -1.79 10.32
N GLY A 164 -2.29 -1.48 11.50
CA GLY A 164 -2.93 -2.49 12.33
C GLY A 164 -1.97 -3.13 13.31
N LEU A 165 -2.52 -3.56 14.44
CA LEU A 165 -1.72 -4.12 15.53
C LEU A 165 -1.79 -5.63 15.61
N GLY A 166 -2.86 -6.25 15.10
CA GLY A 166 -3.01 -7.69 15.19
C GLY A 166 -1.98 -8.44 14.36
N GLY A 167 -0.99 -9.02 15.02
CA GLY A 167 0.11 -9.68 14.35
C GLY A 167 1.27 -8.78 13.99
N ASN A 168 1.19 -7.50 14.32
CA ASN A 168 2.26 -6.56 14.00
C ASN A 168 3.31 -6.58 15.09
N PRO A 169 4.58 -6.82 14.76
CA PRO A 169 5.61 -6.66 15.80
C PRO A 169 5.64 -5.26 16.38
N MET A 170 5.27 -4.25 15.58
CA MET A 170 5.22 -2.87 16.07
C MET A 170 4.33 -2.72 17.29
N ALA A 171 3.41 -3.64 17.52
CA ALA A 171 2.64 -3.63 18.76
C ALA A 171 3.57 -3.72 19.96
N VAL A 172 4.38 -4.78 19.99
CA VAL A 172 5.38 -4.95 21.05
C VAL A 172 6.21 -3.68 21.20
N VAL A 173 6.84 -3.26 20.10
CA VAL A 173 7.66 -2.05 20.12
C VAL A 173 6.89 -0.89 20.71
N SER A 174 5.61 -0.76 20.36
CA SER A 174 4.82 0.37 20.85
C SER A 174 4.72 0.35 22.38
N LYS A 175 4.60 -0.85 22.97
CA LYS A 175 4.63 -0.94 24.43
C LYS A 175 6.02 -0.67 24.99
N GLN A 176 7.07 -1.04 24.25
CA GLN A 176 8.43 -0.82 24.73
C GLN A 176 8.79 0.65 24.69
N VAL A 177 8.39 1.35 23.63
CA VAL A 177 8.79 2.74 23.40
C VAL A 177 7.77 3.74 23.92
N ASN A 178 6.56 3.30 24.25
CA ASN A 178 5.46 4.22 24.59
C ASN A 178 5.16 5.13 23.40
N MET A 179 4.76 4.49 22.30
CA MET A 179 4.24 5.22 21.16
C MET A 179 2.81 5.68 21.45
N GLU A 180 2.48 6.89 21.00
CA GLU A 180 1.16 7.47 21.20
C GLU A 180 0.36 7.27 19.91
N LEU A 181 -0.27 6.10 19.79
CA LEU A 181 -0.99 5.71 18.59
C LEU A 181 -2.44 6.20 18.65
N ALA A 182 -2.92 6.72 17.53
CA ALA A 182 -4.26 7.29 17.44
C ALA A 182 -4.96 6.77 16.19
N LYS A 183 -6.21 6.33 16.34
CA LYS A 183 -6.96 5.80 15.21
C LYS A 183 -7.19 6.89 14.16
N ILE A 184 -7.45 6.44 12.93
CA ILE A 184 -7.70 7.33 11.80
C ILE A 184 -9.16 7.17 11.40
N LYS A 185 -9.90 8.28 11.37
CA LYS A 185 -11.32 8.23 11.04
C LYS A 185 -11.50 7.94 9.55
N GLN A 186 -12.26 6.89 9.25
CA GLN A 186 -12.51 6.47 7.87
C GLN A 186 -13.65 7.33 7.29
N LYS A 187 -13.29 8.56 6.95
CA LYS A 187 -14.23 9.49 6.34
C LYS A 187 -13.43 10.48 5.52
N CYS A 188 -13.64 10.49 4.20
CA CYS A 188 -12.87 11.34 3.29
C CYS A 188 -13.82 11.96 2.27
N PRO A 189 -14.38 13.13 2.57
CA PRO A 189 -15.15 13.85 1.54
C PRO A 189 -14.24 14.37 0.44
N LEU A 190 -14.71 14.27 -0.79
CA LEU A 190 -13.97 14.72 -1.95
C LEU A 190 -14.44 16.11 -2.35
N TYR A 191 -13.50 16.94 -2.80
CA TYR A 191 -13.79 18.29 -3.27
C TYR A 191 -13.23 18.44 -4.68
N GLU A 192 -14.08 18.84 -5.61
CA GLU A 192 -13.66 19.03 -6.98
C GLU A 192 -12.69 20.20 -7.07
N ALA A 193 -12.10 20.35 -8.27
CA ALA A 193 -11.09 21.38 -8.47
C ALA A 193 -11.63 22.77 -8.12
N ASN A 194 -12.92 23.00 -8.29
CA ASN A 194 -13.50 24.30 -7.98
C ASN A 194 -13.62 24.54 -6.48
N GLY A 195 -13.69 23.48 -5.67
CA GLY A 195 -13.81 23.60 -4.23
C GLY A 195 -15.16 23.18 -3.69
N GLN A 196 -16.09 22.76 -4.54
CA GLN A 196 -17.40 22.30 -4.10
C GLN A 196 -17.37 20.80 -3.89
N ALA A 197 -17.97 20.35 -2.79
CA ALA A 197 -17.89 18.95 -2.41
C ALA A 197 -18.50 18.06 -3.49
N VAL A 198 -18.07 16.81 -3.49
CA VAL A 198 -18.68 15.78 -4.34
C VAL A 198 -19.89 15.26 -3.58
N PRO A 199 -21.11 15.44 -4.08
CA PRO A 199 -22.29 14.94 -3.35
C PRO A 199 -22.19 13.43 -3.12
N LYS A 200 -22.93 12.97 -2.11
CA LYS A 200 -22.80 11.59 -1.66
C LYS A 200 -23.14 10.60 -2.77
N GLU A 201 -24.19 10.88 -3.56
CA GLU A 201 -24.56 9.97 -4.63
C GLU A 201 -23.41 9.74 -5.59
N LYS A 202 -22.80 10.84 -6.08
CA LYS A 202 -21.73 10.74 -7.06
C LYS A 202 -20.47 10.11 -6.43
N ASP A 203 -20.09 10.58 -5.25
CA ASP A 203 -18.96 10.00 -4.54
C ASP A 203 -19.11 8.48 -4.45
N GLU A 204 -20.27 8.02 -3.99
CA GLU A 204 -20.52 6.60 -3.79
C GLU A 204 -20.56 5.85 -5.11
N MET A 205 -21.17 6.44 -6.14
CA MET A 205 -21.25 5.78 -7.44
C MET A 205 -19.86 5.56 -8.01
N VAL A 206 -19.04 6.61 -8.01
CA VAL A 206 -17.68 6.50 -8.56
C VAL A 206 -16.86 5.50 -7.76
N GLU A 207 -17.01 5.50 -6.43
CA GLU A 207 -16.25 4.56 -5.61
C GLU A 207 -16.65 3.12 -5.92
N GLN A 208 -17.96 2.86 -6.02
CA GLN A 208 -18.44 1.54 -6.44
C GLN A 208 -17.82 1.14 -7.77
N GLU A 209 -17.78 2.07 -8.72
CA GLU A 209 -17.26 1.76 -10.05
C GLU A 209 -15.77 1.46 -9.99
N PHE A 210 -15.02 2.22 -9.18
CA PHE A 210 -13.60 1.95 -8.97
C PHE A 210 -13.37 0.53 -8.49
N ASN A 211 -14.13 0.12 -7.46
CA ASN A 211 -13.95 -1.23 -6.91
C ASN A 211 -14.30 -2.30 -7.94
N ARG A 212 -15.41 -2.11 -8.67
CA ARG A 212 -15.79 -3.06 -9.71
C ARG A 212 -14.70 -3.20 -10.77
N LEU A 213 -14.16 -2.06 -11.23
CA LEU A 213 -13.10 -2.08 -12.23
C LEU A 213 -11.88 -2.86 -11.74
N LEU A 214 -11.46 -2.59 -10.51
CA LEU A 214 -10.26 -3.25 -9.98
C LEU A 214 -10.47 -4.75 -9.89
N GLU A 215 -11.62 -5.18 -9.36
CA GLU A 215 -11.91 -6.61 -9.34
C GLU A 215 -11.90 -7.20 -10.75
N ALA A 216 -12.32 -6.42 -11.75
CA ALA A 216 -12.30 -6.90 -13.12
C ALA A 216 -10.87 -7.17 -13.59
N THR A 217 -9.96 -6.24 -13.32
CA THR A 217 -8.56 -6.48 -13.68
C THR A 217 -8.05 -7.74 -13.00
N SER A 218 -8.40 -7.92 -11.72
CA SER A 218 -7.99 -9.14 -11.02
C SER A 218 -8.50 -10.38 -11.74
N TYR A 219 -9.76 -10.37 -12.18
CA TYR A 219 -10.32 -11.51 -12.87
C TYR A 219 -9.58 -11.79 -14.17
N LEU A 220 -9.32 -10.74 -14.96
CA LEU A 220 -8.53 -10.92 -16.17
C LEU A 220 -7.23 -11.63 -15.86
N SER A 221 -6.53 -11.15 -14.84
CA SER A 221 -5.20 -11.68 -14.55
C SER A 221 -5.25 -13.14 -14.14
N HIS A 222 -6.11 -13.47 -13.18
CA HIS A 222 -6.04 -14.78 -12.54
C HIS A 222 -6.86 -15.84 -13.27
N GLN A 223 -8.07 -15.51 -13.71
CA GLN A 223 -8.92 -16.50 -14.35
C GLN A 223 -8.62 -16.64 -15.84
N LEU A 224 -8.45 -15.52 -16.53
CA LEU A 224 -8.25 -15.54 -17.98
C LEU A 224 -6.78 -15.57 -18.38
N ASP A 225 -5.85 -15.44 -17.43
CA ASP A 225 -4.42 -15.52 -17.72
C ASP A 225 -3.97 -14.39 -18.64
N PHE A 226 -4.58 -13.21 -18.47
CA PHE A 226 -4.22 -12.03 -19.26
C PHE A 226 -3.02 -11.34 -18.61
N ASN A 227 -1.86 -11.97 -18.74
CA ASN A 227 -0.65 -11.55 -18.05
C ASN A 227 0.50 -11.19 -18.98
N VAL A 228 0.60 -11.81 -20.15
CA VAL A 228 1.62 -11.47 -21.14
C VAL A 228 0.92 -11.10 -22.43
N LEU A 229 1.30 -9.95 -23.00
CA LEU A 229 0.72 -9.45 -24.22
C LEU A 229 1.85 -8.98 -25.14
N ASN A 230 1.92 -9.56 -26.32
CA ASN A 230 2.90 -9.14 -27.33
C ASN A 230 4.31 -9.13 -26.73
N ASN A 231 4.61 -10.21 -26.01
CA ASN A 231 5.92 -10.42 -25.40
C ASN A 231 6.29 -9.31 -24.41
N LYS A 232 5.29 -8.68 -23.80
CA LYS A 232 5.53 -7.71 -22.74
C LYS A 232 4.57 -7.98 -21.58
N PRO A 233 5.02 -7.77 -20.34
CA PRO A 233 4.14 -8.01 -19.20
C PRO A 233 3.05 -6.94 -19.08
N VAL A 234 1.88 -7.39 -18.62
CA VAL A 234 0.70 -6.52 -18.54
C VAL A 234 0.78 -5.72 -17.24
N SER A 235 0.69 -4.40 -17.35
CA SER A 235 0.64 -3.55 -16.17
C SER A 235 -0.79 -3.43 -15.64
N LEU A 236 -0.89 -3.06 -14.37
CA LEU A 236 -2.21 -2.77 -13.80
C LEU A 236 -2.89 -1.64 -14.56
N GLY A 237 -2.12 -0.62 -14.94
CA GLY A 237 -2.71 0.47 -15.72
C GLY A 237 -3.24 0.00 -17.06
N GLN A 238 -2.45 -0.83 -17.76
CA GLN A 238 -2.92 -1.45 -19.00
C GLN A 238 -4.27 -2.12 -18.80
N ALA A 239 -4.36 -3.01 -17.80
CA ALA A 239 -5.58 -3.78 -17.60
C ALA A 239 -6.75 -2.87 -17.23
N LEU A 240 -6.50 -1.83 -16.43
CA LEU A 240 -7.55 -0.88 -16.12
C LEU A 240 -8.07 -0.19 -17.37
N GLU A 241 -7.17 0.17 -18.28
CA GLU A 241 -7.61 0.79 -19.53
C GLU A 241 -8.41 -0.19 -20.38
N VAL A 242 -7.96 -1.45 -20.46
CA VAL A 242 -8.71 -2.47 -21.17
C VAL A 242 -10.13 -2.58 -20.62
N VAL A 243 -10.25 -2.65 -19.30
CA VAL A 243 -11.55 -2.83 -18.66
C VAL A 243 -12.44 -1.62 -18.93
N ILE A 244 -11.88 -0.42 -18.80
CA ILE A 244 -12.64 0.79 -19.05
C ILE A 244 -13.13 0.82 -20.49
N GLN A 245 -12.30 0.39 -21.43
CA GLN A 245 -12.70 0.40 -22.83
C GLN A 245 -13.84 -0.59 -23.07
N LEU A 246 -13.79 -1.75 -22.41
CA LEU A 246 -14.91 -2.69 -22.55
C LEU A 246 -16.21 -2.08 -22.02
N GLN A 247 -16.14 -1.38 -20.89
CA GLN A 247 -17.37 -0.77 -20.36
C GLN A 247 -17.88 0.34 -21.29
N GLU A 248 -16.98 1.16 -21.83
CA GLU A 248 -17.39 2.19 -22.77
C GLU A 248 -18.06 1.57 -24.00
N LYS A 249 -17.50 0.45 -24.48
CA LYS A 249 -18.08 -0.26 -25.60
C LYS A 249 -19.48 -0.77 -25.27
N HIS A 250 -19.67 -1.31 -24.06
CA HIS A 250 -20.99 -1.76 -23.64
C HIS A 250 -21.99 -0.59 -23.66
N VAL A 251 -21.55 0.60 -23.22
CA VAL A 251 -22.44 1.76 -23.25
C VAL A 251 -22.83 2.09 -24.69
N LYS A 252 -21.84 2.21 -25.58
CA LYS A 252 -22.16 2.50 -26.98
C LYS A 252 -23.14 1.48 -27.54
N ASP A 253 -22.93 0.19 -27.25
CA ASP A 253 -23.79 -0.84 -27.81
C ASP A 253 -25.21 -0.73 -27.29
N GLU A 254 -25.39 -0.54 -25.98
CA GLU A 254 -26.74 -0.42 -25.45
C GLU A 254 -27.44 0.80 -26.02
N GLN A 255 -26.70 1.91 -26.18
CA GLN A 255 -27.28 3.10 -26.79
C GLN A 255 -27.71 2.82 -28.22
N ILE A 256 -26.89 2.09 -28.98
CA ILE A 256 -27.21 1.77 -30.37
C ILE A 256 -28.45 0.91 -30.45
N GLU A 257 -28.53 -0.12 -29.59
CA GLU A 257 -29.70 -1.00 -29.58
C GLU A 257 -30.96 -0.22 -29.28
N HIS A 258 -30.88 0.70 -28.31
CA HIS A 258 -32.03 1.55 -27.98
C HIS A 258 -32.40 2.46 -29.14
N TRP A 259 -31.39 3.05 -29.80
CA TRP A 259 -31.63 3.82 -31.01
C TRP A 259 -32.47 3.02 -32.01
N LYS A 260 -32.06 1.77 -32.24
CA LYS A 260 -32.75 0.94 -33.23
C LYS A 260 -34.19 0.67 -32.82
N LYS A 261 -34.43 0.46 -31.54
CA LYS A 261 -35.80 0.21 -31.03
C LYS A 261 -36.66 1.42 -31.36
N ILE A 262 -36.13 2.61 -31.16
CA ILE A 262 -36.86 3.87 -31.41
C ILE A 262 -37.14 4.06 -32.89
N VAL A 263 -36.18 3.78 -33.76
CA VAL A 263 -36.38 3.99 -35.22
C VAL A 263 -37.43 3.01 -35.71
N LYS A 264 -37.40 1.77 -35.24
CA LYS A 264 -38.37 0.76 -35.71
C LYS A 264 -39.77 1.21 -35.31
N THR A 265 -39.94 1.69 -34.09
CA THR A 265 -41.26 2.16 -33.62
C THR A 265 -41.65 3.40 -34.42
N GLN A 266 -40.72 4.28 -34.70
CA GLN A 266 -40.98 5.50 -35.49
C GLN A 266 -41.44 5.08 -36.89
N GLU A 267 -40.81 4.07 -37.48
CA GLU A 267 -41.15 3.58 -38.83
C GLU A 267 -42.56 3.02 -38.80
N GLU A 268 -42.93 2.31 -37.74
CA GLU A 268 -44.26 1.70 -37.58
C GLU A 268 -45.30 2.83 -37.53
N LEU A 269 -44.99 3.90 -36.83
CA LEU A 269 -45.92 5.05 -36.71
C LEU A 269 -46.08 5.67 -38.09
N LYS A 270 -45.01 5.86 -38.84
CA LYS A 270 -45.12 6.44 -40.18
C LYS A 270 -46.01 5.58 -41.06
N GLU A 271 -45.80 4.26 -41.03
CA GLU A 271 -46.62 3.35 -41.82
C GLU A 271 -48.08 3.40 -41.39
N LEU A 272 -48.34 3.49 -40.08
CA LEU A 272 -49.71 3.54 -39.61
C LEU A 272 -50.39 4.84 -40.00
N LEU A 273 -49.67 5.96 -39.96
CA LEU A 273 -50.27 7.22 -40.38
C LEU A 273 -50.62 7.20 -41.86
N ASN A 274 -49.75 6.59 -42.68
CA ASN A 274 -50.09 6.43 -44.10
C ASN A 274 -51.35 5.57 -44.27
N LYS A 275 -51.42 4.46 -43.55
CA LYS A 275 -52.60 3.59 -43.60
C LYS A 275 -53.85 4.36 -43.23
N MET A 276 -53.76 5.18 -42.18
CA MET A 276 -54.92 5.95 -41.74
C MET A 276 -55.34 6.99 -42.76
N VAL A 277 -54.37 7.66 -43.39
CA VAL A 277 -54.71 8.61 -44.44
C VAL A 277 -55.47 7.91 -45.56
N ASN A 278 -55.00 6.72 -45.95
CA ASN A 278 -55.72 5.98 -46.98
C ASN A 278 -57.14 5.64 -46.54
N LEU A 279 -57.31 5.22 -45.28
CA LEU A 279 -58.65 4.90 -44.82
C LEU A 279 -59.52 6.14 -44.75
N LYS A 280 -58.93 7.31 -44.48
CA LYS A 280 -59.73 8.53 -44.47
C LYS A 280 -60.18 8.88 -45.88
N GLU A 281 -59.32 8.66 -46.88
CA GLU A 281 -59.77 8.80 -48.26
C GLU A 281 -60.96 7.89 -48.55
N LYS A 282 -60.85 6.61 -48.14
CA LYS A 282 -61.93 5.66 -48.37
C LYS A 282 -63.23 6.11 -47.70
N ILE A 283 -63.14 6.53 -46.43
CA ILE A 283 -64.33 6.94 -45.69
C ILE A 283 -64.94 8.18 -46.31
N LYS A 284 -64.10 9.15 -46.68
CA LYS A 284 -64.56 10.39 -47.30
C LYS A 284 -65.22 10.11 -48.65
N GLU A 285 -64.79 9.05 -49.35
CA GLU A 285 -65.43 8.70 -50.61
C GLU A 285 -66.76 8.00 -50.39
N LEU A 286 -66.82 7.07 -49.43
CA LEU A 286 -68.08 6.36 -49.19
C LEU A 286 -69.13 7.30 -48.62
N HIS A 287 -68.72 8.34 -47.90
CA HIS A 287 -69.66 9.33 -47.37
C HIS A 287 -70.41 10.04 -48.50
N GLN A 288 -69.74 10.29 -49.63
CA GLN A 288 -70.39 10.91 -50.76
C GLN A 288 -71.61 10.11 -51.20
N GLN A 289 -71.59 8.80 -50.97
CA GLN A 289 -72.66 7.90 -51.38
C GLN A 289 -73.67 7.71 -50.25
N THR A 303 -86.10 -0.08 -53.51
CA THR A 303 -84.79 -0.70 -53.47
C THR A 303 -83.69 0.35 -53.29
N ALA A 304 -83.99 1.61 -53.64
CA ALA A 304 -83.04 2.69 -53.37
C ALA A 304 -82.90 2.92 -51.87
N GLU A 305 -83.97 2.69 -51.09
CA GLU A 305 -83.84 2.75 -49.65
C GLU A 305 -83.00 1.58 -49.13
N PHE A 306 -83.13 0.41 -49.75
CA PHE A 306 -82.22 -0.70 -49.48
C PHE A 306 -80.78 -0.28 -49.75
N LEU A 307 -80.57 0.47 -50.84
CA LEU A 307 -79.24 0.99 -51.14
C LEU A 307 -78.74 1.91 -50.02
N VAL A 308 -79.61 2.77 -49.51
CA VAL A 308 -79.21 3.67 -48.43
C VAL A 308 -78.83 2.86 -47.19
N LYS A 309 -79.66 1.89 -46.83
CA LYS A 309 -79.34 1.03 -45.68
C LYS A 309 -77.98 0.36 -45.87
N SER A 310 -77.71 -0.13 -47.09
CA SER A 310 -76.45 -0.80 -47.38
C SER A 310 -75.27 0.16 -47.26
N LYS A 311 -75.39 1.35 -47.84
CA LYS A 311 -74.30 2.33 -47.80
C LYS A 311 -73.99 2.73 -46.35
N HIS A 312 -75.04 2.96 -45.55
CA HIS A 312 -74.84 3.35 -44.15
C HIS A 312 -74.19 2.23 -43.35
N ARG A 313 -74.64 0.99 -43.58
CA ARG A 313 -74.02 -0.18 -42.97
C ARG A 313 -72.52 -0.22 -43.27
N ASP A 314 -72.16 -0.07 -44.55
CA ASP A 314 -70.76 -0.10 -44.94
C ASP A 314 -69.97 1.05 -44.32
N LEU A 315 -70.59 2.25 -44.22
CA LEU A 315 -69.89 3.39 -43.65
C LEU A 315 -69.58 3.19 -42.18
N THR A 316 -70.54 2.63 -41.42
CA THR A 316 -70.26 2.34 -40.01
C THR A 316 -69.16 1.29 -39.89
N ALA A 317 -69.15 0.30 -40.78
CA ALA A 317 -68.09 -0.70 -40.74
C ALA A 317 -66.72 -0.03 -40.92
N LEU A 318 -66.60 0.85 -41.92
CA LEU A 318 -65.32 1.52 -42.15
C LEU A 318 -64.95 2.44 -40.99
N CYS A 319 -65.94 3.10 -40.38
CA CYS A 319 -65.64 3.99 -39.26
C CYS A 319 -65.14 3.22 -38.04
N LYS A 320 -65.76 2.08 -37.73
CA LYS A 320 -65.26 1.24 -36.64
C LYS A 320 -63.87 0.69 -36.97
N GLU A 321 -63.64 0.36 -38.24
CA GLU A 321 -62.30 -0.02 -38.70
C GLU A 321 -61.29 1.07 -38.38
N TYR A 322 -61.67 2.33 -38.59
CA TYR A 322 -60.81 3.46 -38.26
C TYR A 322 -60.57 3.55 -36.76
N ASP A 323 -61.61 3.29 -35.96
CA ASP A 323 -61.47 3.38 -34.51
C ASP A 323 -60.39 2.43 -34.01
N GLU A 324 -60.39 1.20 -34.52
CA GLU A 324 -59.35 0.24 -34.10
C GLU A 324 -57.96 0.81 -34.36
N LEU A 325 -57.76 1.37 -35.55
CA LEU A 325 -56.46 1.94 -35.88
C LEU A 325 -56.13 3.15 -35.02
N ALA A 326 -57.13 3.95 -34.63
CA ALA A 326 -56.84 5.11 -33.79
C ALA A 326 -56.38 4.68 -32.40
N GLU A 327 -57.01 3.64 -31.84
CA GLU A 327 -56.51 3.07 -30.60
C GLU A 327 -55.07 2.63 -30.77
N THR A 328 -54.76 1.94 -31.87
CA THR A 328 -53.39 1.46 -32.07
C THR A 328 -52.43 2.61 -32.31
N GLN A 329 -52.90 3.71 -32.92
CA GLN A 329 -52.09 4.91 -33.08
C GLN A 329 -51.65 5.42 -31.71
N GLY A 330 -52.62 5.58 -30.81
CA GLY A 330 -52.30 6.01 -29.46
C GLY A 330 -51.34 5.06 -28.76
N LYS A 331 -51.54 3.75 -28.94
CA LYS A 331 -50.71 2.78 -28.25
C LYS A 331 -49.26 2.81 -28.75
N LEU A 332 -49.06 2.91 -30.07
CA LEU A 332 -47.70 3.02 -30.58
C LEU A 332 -47.08 4.36 -30.19
N GLU A 333 -47.88 5.43 -30.17
CA GLU A 333 -47.42 6.71 -29.66
C GLU A 333 -46.93 6.58 -28.23
N GLU A 334 -47.65 5.79 -27.42
CA GLU A 334 -47.27 5.56 -26.03
C GLU A 334 -45.93 4.87 -25.93
N LYS A 335 -45.76 3.78 -26.67
CA LYS A 335 -44.49 3.03 -26.68
C LYS A 335 -43.34 3.95 -27.09
N LEU A 336 -43.54 4.73 -28.16
CA LEU A 336 -42.52 5.68 -28.61
C LEU A 336 -42.17 6.69 -27.53
N GLN A 337 -43.18 7.23 -26.84
CA GLN A 337 -42.92 8.24 -25.82
C GLN A 337 -42.11 7.66 -24.66
N GLU A 338 -42.44 6.44 -24.23
CA GLU A 338 -41.67 5.82 -23.16
C GLU A 338 -40.21 5.69 -23.57
N LEU A 339 -39.95 5.22 -24.80
CA LEU A 339 -38.56 5.06 -25.21
C LEU A 339 -37.86 6.41 -25.32
N GLU A 340 -38.60 7.46 -25.71
CA GLU A 340 -37.99 8.78 -25.79
C GLU A 340 -37.63 9.30 -24.41
N ALA A 341 -38.34 8.89 -23.36
CA ALA A 341 -38.06 9.38 -22.02
C ALA A 341 -37.27 8.42 -21.14
N ASN A 342 -36.90 7.23 -21.62
CA ASN A 342 -36.13 6.29 -20.80
C ASN A 342 -34.81 5.79 -21.39
N PRO A 343 -33.95 6.68 -21.90
CA PRO A 343 -32.71 6.19 -22.56
C PRO A 343 -31.65 5.78 -21.57
N PRO A 344 -30.70 4.93 -21.99
CA PRO A 344 -29.51 4.69 -21.16
C PRO A 344 -28.49 5.79 -21.36
N SER A 345 -27.49 5.81 -20.47
CA SER A 345 -26.53 6.90 -20.44
C SER A 345 -25.84 7.06 -21.79
N ASP A 346 -25.64 8.32 -22.18
CA ASP A 346 -24.90 8.61 -23.41
C ASP A 346 -23.43 8.21 -23.27
N VAL A 347 -22.83 8.52 -22.14
CA VAL A 347 -21.43 8.20 -21.88
C VAL A 347 -21.32 7.44 -20.57
N TYR A 348 -20.30 6.58 -20.50
CA TYR A 348 -20.03 5.81 -19.29
C TYR A 348 -19.57 6.72 -18.16
N LEU A 349 -18.70 7.67 -18.45
CA LEU A 349 -18.22 8.63 -17.46
C LEU A 349 -18.14 10.00 -18.10
N SER A 350 -18.82 10.97 -17.49
CA SER A 350 -18.66 12.36 -17.88
C SER A 350 -17.24 12.83 -17.52
N SER A 351 -16.95 14.08 -17.85
CA SER A 351 -15.67 14.67 -17.47
C SER A 351 -15.50 14.66 -15.95
N ARG A 352 -16.53 15.10 -15.22
CA ARG A 352 -16.46 15.11 -13.76
C ARG A 352 -16.37 13.69 -13.20
N ASP A 353 -17.09 12.75 -13.81
CA ASP A 353 -17.00 11.36 -13.39
C ASP A 353 -15.57 10.84 -13.52
N ARG A 354 -14.93 11.09 -14.67
CA ARG A 354 -13.57 10.62 -14.86
C ARG A 354 -12.61 11.30 -13.91
N GLN A 355 -12.82 12.58 -13.59
CA GLN A 355 -11.92 13.25 -12.64
C GLN A 355 -12.02 12.63 -11.25
N ILE A 356 -13.24 12.33 -10.80
CA ILE A 356 -13.39 11.69 -9.49
C ILE A 356 -12.77 10.29 -9.51
N LEU A 357 -12.94 9.56 -10.61
CA LEU A 357 -12.33 8.24 -10.73
C LEU A 357 -10.80 8.34 -10.72
N ASP A 358 -10.26 9.39 -11.34
CA ASP A 358 -8.82 9.60 -11.30
C ASP A 358 -8.34 9.89 -9.89
N TRP A 359 -9.18 10.55 -9.08
CA TRP A 359 -8.82 10.69 -7.68
C TRP A 359 -8.62 9.33 -7.02
N HIS A 360 -9.57 8.42 -7.24
CA HIS A 360 -9.42 7.08 -6.65
C HIS A 360 -8.16 6.38 -7.18
N PHE A 361 -7.88 6.52 -8.47
CA PHE A 361 -6.65 5.96 -9.03
C PHE A 361 -5.41 6.57 -8.38
N ALA A 362 -5.46 7.87 -8.10
CA ALA A 362 -4.35 8.53 -7.42
C ALA A 362 -4.17 7.98 -6.01
N ASN A 363 -5.28 7.66 -5.33
CA ASN A 363 -5.16 7.05 -4.01
C ASN A 363 -4.45 5.70 -4.09
N LEU A 364 -4.77 4.92 -5.14
CA LEU A 364 -4.06 3.66 -5.34
C LEU A 364 -2.58 3.89 -5.62
N GLU A 365 -2.27 4.88 -6.47
CA GLU A 365 -0.89 5.23 -6.75
C GLU A 365 -0.17 5.70 -5.50
N PHE A 366 -0.88 6.36 -4.59
CA PHE A 366 -0.31 6.73 -3.29
C PHE A 366 0.05 5.48 -2.50
N ALA A 367 -0.92 4.57 -2.34
CA ALA A 367 -0.67 3.35 -1.58
C ALA A 367 0.57 2.62 -2.09
N ASN A 368 0.70 2.48 -3.40
CA ASN A 368 1.84 1.74 -3.97
C ASN A 368 3.04 2.63 -4.31
N ALA A 369 2.96 3.94 -4.07
CA ALA A 369 4.05 4.87 -4.28
C ALA A 369 4.60 4.80 -5.70
N THR A 370 3.75 4.48 -6.69
CA THR A 370 4.21 4.42 -8.07
C THR A 370 3.00 4.62 -8.99
N PRO A 371 3.22 5.10 -10.22
CA PRO A 371 2.13 5.15 -11.19
C PRO A 371 1.63 3.74 -11.51
N LEU A 372 0.32 3.64 -11.75
CA LEU A 372 -0.31 2.33 -11.96
C LEU A 372 0.22 1.65 -13.21
N SER A 373 0.71 2.42 -14.19
CA SER A 373 1.24 1.83 -15.41
C SER A 373 2.52 1.04 -15.18
N THR A 374 3.08 1.10 -13.96
CA THR A 374 4.32 0.39 -13.64
C THR A 374 4.08 -0.84 -12.77
N LEU A 375 2.89 -1.01 -12.20
CA LEU A 375 2.64 -2.12 -11.29
C LEU A 375 2.35 -3.40 -12.06
N SER A 376 2.96 -4.50 -11.61
CA SER A 376 2.66 -5.82 -12.16
C SER A 376 1.20 -6.19 -11.92
N LEU A 377 0.45 -6.40 -13.00
CA LEU A 377 -0.96 -6.76 -12.84
C LEU A 377 -1.10 -8.03 -12.00
N LYS A 378 -0.20 -9.00 -12.20
CA LYS A 378 -0.35 -10.28 -11.51
C LYS A 378 -0.02 -10.16 -10.02
N HIS A 379 1.06 -9.45 -9.68
CA HIS A 379 1.63 -9.54 -8.34
C HIS A 379 1.62 -8.23 -7.55
N TRP A 380 0.98 -7.16 -8.04
CA TRP A 380 1.10 -5.89 -7.33
C TRP A 380 0.56 -5.97 -5.92
N ASP A 381 -0.37 -6.89 -5.65
CA ASP A 381 -0.96 -7.05 -4.33
C ASP A 381 -0.70 -8.44 -3.79
N GLN A 382 0.47 -9.00 -4.11
CA GLN A 382 0.84 -10.34 -3.67
C GLN A 382 0.87 -10.47 -2.15
N ASP A 383 1.01 -9.35 -1.44
CA ASP A 383 1.19 -9.37 0.01
C ASP A 383 -0.11 -9.11 0.76
N ASP A 384 -1.25 -9.06 0.06
CA ASP A 384 -2.52 -8.72 0.73
C ASP A 384 -2.93 -9.80 1.72
N ASP A 385 -2.53 -11.05 1.53
CA ASP A 385 -2.93 -12.11 2.44
C ASP A 385 -2.38 -11.92 3.85
N PHE A 386 -1.29 -11.17 3.99
CA PHE A 386 -0.58 -11.07 5.26
C PHE A 386 -0.88 -9.78 6.02
N GLU A 387 -1.84 -8.98 5.55
CA GLU A 387 -2.14 -7.71 6.18
C GLU A 387 -2.65 -7.92 7.62
N PHE A 388 -2.38 -6.94 8.47
CA PHE A 388 -2.66 -7.06 9.90
C PHE A 388 -4.11 -6.67 10.21
N THR A 389 -4.60 -7.21 11.32
CA THR A 389 -5.94 -6.91 11.83
C THR A 389 -5.93 -5.62 12.64
N GLY A 390 -7.11 -5.04 12.78
CA GLY A 390 -7.30 -3.88 13.64
C GLY A 390 -7.19 -2.57 12.90
N SER A 391 -7.73 -1.53 13.54
CA SER A 391 -7.76 -0.20 12.93
C SER A 391 -6.36 0.32 12.68
N HIS A 392 -6.18 1.00 11.54
CA HIS A 392 -4.91 1.64 11.25
C HIS A 392 -4.70 2.86 12.13
N LEU A 393 -3.44 3.12 12.50
CA LEU A 393 -3.12 4.14 13.48
C LEU A 393 -2.01 5.07 12.99
N THR A 394 -2.09 6.32 13.44
CA THR A 394 -1.03 7.31 13.27
C THR A 394 -0.24 7.43 14.57
N VAL A 395 1.00 7.89 14.44
CA VAL A 395 1.89 8.05 15.59
C VAL A 395 1.84 9.52 16.01
N ARG A 396 1.19 9.79 17.13
CA ARG A 396 1.09 11.17 17.63
C ARG A 396 2.42 11.65 18.20
N ASN A 397 3.14 10.76 18.90
CA ASN A 397 4.42 11.15 19.48
C ASN A 397 5.47 11.50 18.42
N GLY A 398 5.27 11.05 17.19
CA GLY A 398 6.28 11.18 16.16
C GLY A 398 7.04 9.89 15.98
N TYR A 399 6.91 9.26 14.80
CA TYR A 399 7.47 7.93 14.59
C TYR A 399 8.96 7.85 14.89
N SER A 400 9.68 8.99 14.82
CA SER A 400 11.10 8.98 15.18
C SER A 400 11.35 8.45 16.58
N CYS A 401 10.33 8.46 17.44
CA CYS A 401 10.50 7.92 18.78
C CYS A 401 10.94 6.47 18.77
N VAL A 402 10.63 5.73 17.70
CA VAL A 402 10.92 4.31 17.66
C VAL A 402 12.41 4.09 17.37
N PRO A 403 12.93 4.55 16.22
CA PRO A 403 14.37 4.38 15.99
C PRO A 403 15.23 4.98 17.08
N VAL A 404 14.88 6.17 17.57
CA VAL A 404 15.68 6.80 18.62
C VAL A 404 15.77 5.90 19.84
N ALA A 405 14.65 5.26 20.20
CA ALA A 405 14.68 4.32 21.31
C ALA A 405 15.55 3.12 20.98
N LEU A 406 15.46 2.61 19.74
CA LEU A 406 16.25 1.44 19.37
C LEU A 406 17.75 1.75 19.36
N ALA A 407 18.12 3.02 19.18
CA ALA A 407 19.52 3.40 19.00
C ALA A 407 20.29 3.48 20.31
N GLU A 408 19.59 3.50 21.44
CA GLU A 408 20.24 3.72 22.74
C GLU A 408 21.22 2.58 23.03
N GLY A 409 22.49 2.94 23.24
CA GLY A 409 23.49 1.96 23.60
C GLY A 409 24.17 1.27 22.44
N LEU A 410 24.10 1.83 21.24
CA LEU A 410 24.66 1.22 20.05
C LEU A 410 25.81 2.07 19.51
N ASP A 411 26.81 1.39 18.95
CA ASP A 411 27.97 2.07 18.37
C ASP A 411 27.60 2.52 16.96
N ILE A 412 27.11 3.75 16.87
CA ILE A 412 26.60 4.31 15.62
C ILE A 412 27.49 5.47 15.20
N LYS A 413 28.05 5.37 13.99
CA LYS A 413 28.85 6.43 13.40
C LYS A 413 27.96 7.19 12.41
N LEU A 414 27.57 8.41 12.77
CA LEU A 414 26.77 9.24 11.88
C LEU A 414 27.68 10.01 10.91
N ASN A 415 27.07 10.59 9.88
CA ASN A 415 27.78 11.38 8.88
C ASN A 415 28.95 10.59 8.30
N THR A 416 28.74 9.30 8.09
CA THR A 416 29.76 8.39 7.57
C THR A 416 29.11 7.60 6.44
N ALA A 417 29.43 7.95 5.20
CA ALA A 417 28.79 7.37 4.03
C ALA A 417 29.68 6.27 3.47
N VAL A 418 29.15 5.05 3.43
CA VAL A 418 29.87 3.94 2.82
C VAL A 418 29.98 4.16 1.32
N ARG A 419 31.18 3.91 0.77
CA ARG A 419 31.39 3.98 -0.67
C ARG A 419 31.95 2.70 -1.26
N GLN A 420 32.49 1.80 -0.44
CA GLN A 420 32.98 0.52 -0.95
C GLN A 420 32.82 -0.56 0.12
N VAL A 421 32.42 -1.75 -0.34
CA VAL A 421 32.28 -2.94 0.50
C VAL A 421 33.12 -4.05 -0.12
N ARG A 422 34.10 -4.55 0.63
CA ARG A 422 34.94 -5.64 0.19
C ARG A 422 34.62 -6.87 1.02
N TYR A 423 34.46 -8.01 0.36
CA TYR A 423 34.16 -9.27 1.04
C TYR A 423 34.94 -10.40 0.38
N THR A 424 35.63 -11.18 1.22
CA THR A 424 36.48 -12.27 0.77
C THR A 424 36.26 -13.46 1.69
N ALA A 425 36.86 -14.61 1.32
CA ALA A 425 36.81 -15.78 2.18
C ALA A 425 37.50 -15.55 3.52
N SER A 426 38.28 -14.48 3.65
CA SER A 426 39.01 -14.18 4.88
C SER A 426 38.28 -13.18 5.77
N GLY A 427 37.60 -12.20 5.18
CA GLY A 427 36.95 -11.17 5.97
C GLY A 427 36.45 -10.05 5.08
N CYS A 428 36.15 -8.91 5.70
CA CYS A 428 35.48 -7.82 4.99
C CYS A 428 36.05 -6.47 5.36
N GLU A 429 36.04 -5.57 4.38
CA GLU A 429 36.43 -4.17 4.55
C GLU A 429 35.28 -3.29 4.08
N VAL A 430 34.90 -2.32 4.92
CA VAL A 430 33.96 -1.28 4.53
C VAL A 430 34.70 0.05 4.58
N ILE A 431 34.64 0.79 3.48
CA ILE A 431 35.32 2.07 3.33
C ILE A 431 34.26 3.15 3.30
N ALA A 432 34.44 4.19 4.12
CA ALA A 432 33.44 5.24 4.23
C ALA A 432 34.12 6.58 4.26
N VAL A 433 33.37 7.61 3.87
CA VAL A 433 33.86 8.98 3.85
C VAL A 433 33.01 9.81 4.80
N ASN A 434 33.63 10.80 5.44
CA ASN A 434 32.90 11.74 6.27
C ASN A 434 32.21 12.76 5.37
N THR A 435 30.89 12.86 5.51
CA THR A 435 30.15 13.76 4.63
C THR A 435 30.44 15.22 4.96
N ARG A 436 30.74 15.50 6.23
CA ARG A 436 31.02 16.87 6.73
C ARG A 436 32.30 17.40 6.11
N SER A 437 33.36 16.59 6.11
CA SER A 437 34.65 16.90 5.44
C SER A 437 35.01 15.67 4.61
N THR A 438 34.93 15.75 3.27
CA THR A 438 35.20 14.63 2.33
C THR A 438 36.65 14.13 2.39
N SER A 439 37.59 14.98 2.80
CA SER A 439 39.04 14.68 2.89
C SER A 439 39.33 13.49 3.80
N GLN A 440 38.70 13.39 4.97
CA GLN A 440 38.97 12.28 5.93
C GLN A 440 38.16 11.05 5.54
N THR A 441 38.80 9.88 5.56
CA THR A 441 38.22 8.61 5.17
C THR A 441 38.46 7.59 6.28
N PHE A 442 37.50 6.69 6.46
CA PHE A 442 37.54 5.67 7.50
C PHE A 442 37.51 4.29 6.85
N ILE A 443 38.25 3.36 7.43
CA ILE A 443 38.26 1.96 7.00
C ILE A 443 37.87 1.11 8.20
N TYR A 444 36.94 0.18 7.99
CA TYR A 444 36.47 -0.70 9.06
C TYR A 444 36.62 -2.14 8.60
N LYS A 445 37.39 -2.91 9.34
CA LYS A 445 37.58 -4.34 9.07
C LYS A 445 36.63 -5.12 9.95
N CYS A 446 35.87 -6.05 9.35
CA CYS A 446 34.90 -6.81 10.10
C CYS A 446 34.78 -8.22 9.55
N ASP A 447 34.16 -9.09 10.35
CA ASP A 447 33.90 -10.45 9.92
C ASP A 447 32.76 -10.49 8.92
N ALA A 448 31.66 -9.77 9.18
CA ALA A 448 30.53 -9.78 8.26
C ALA A 448 29.94 -8.39 8.11
N VAL A 449 29.30 -8.17 6.95
CA VAL A 449 28.63 -6.92 6.63
C VAL A 449 27.15 -7.19 6.43
N LEU A 450 26.32 -6.38 7.06
CA LEU A 450 24.87 -6.42 6.86
C LEU A 450 24.45 -5.16 6.12
N CYS A 451 23.98 -5.31 4.89
CA CYS A 451 23.60 -4.20 4.04
C CYS A 451 22.10 -3.97 4.17
N THR A 452 21.72 -2.77 4.63
CA THR A 452 20.33 -2.34 4.62
C THR A 452 20.13 -1.12 3.72
N LEU A 453 21.08 -0.85 2.82
CA LEU A 453 20.94 0.23 1.87
C LEU A 453 19.59 0.12 1.16
N PRO A 454 18.87 1.22 0.97
CA PRO A 454 17.58 1.14 0.27
C PRO A 454 17.74 0.65 -1.16
N LEU A 455 16.65 0.10 -1.69
CA LEU A 455 16.69 -0.42 -3.06
C LEU A 455 16.98 0.69 -4.06
N GLY A 456 16.51 1.92 -3.80
CA GLY A 456 16.87 3.02 -4.67
C GLY A 456 18.36 3.26 -4.73
N VAL A 457 19.03 3.22 -3.58
CA VAL A 457 20.47 3.42 -3.55
C VAL A 457 21.19 2.27 -4.24
N LEU A 458 20.70 1.05 -4.06
CA LEU A 458 21.28 -0.09 -4.79
C LEU A 458 20.98 0.02 -6.29
N LYS A 459 19.93 0.74 -6.67
CA LYS A 459 19.52 0.84 -8.06
C LYS A 459 20.31 1.91 -8.80
N GLN A 460 20.81 2.92 -8.09
CA GLN A 460 21.59 3.99 -8.69
C GLN A 460 22.44 3.48 -9.85
N GLN A 461 22.17 3.98 -11.06
CA GLN A 461 22.91 3.55 -12.24
C GLN A 461 24.40 3.83 -12.09
N PRO A 462 24.85 5.08 -11.91
CA PRO A 462 26.21 5.32 -11.43
C PRO A 462 26.29 5.03 -9.95
N PRO A 463 26.87 3.90 -9.55
CA PRO A 463 26.67 3.43 -8.16
C PRO A 463 27.24 4.39 -7.14
N ALA A 464 26.52 4.50 -6.02
CA ALA A 464 27.04 5.21 -4.85
C ALA A 464 27.92 4.32 -3.98
N VAL A 465 27.77 3.00 -4.08
CA VAL A 465 28.50 2.03 -3.28
C VAL A 465 29.01 0.93 -4.20
N GLN A 466 30.31 0.69 -4.18
CA GLN A 466 30.93 -0.32 -5.04
C GLN A 466 31.21 -1.58 -4.24
N PHE A 467 30.95 -2.74 -4.84
CA PHE A 467 31.13 -4.03 -4.19
C PHE A 467 32.29 -4.78 -4.82
N VAL A 468 33.15 -5.34 -3.97
CA VAL A 468 34.36 -6.05 -4.37
C VAL A 468 34.37 -7.42 -3.69
N PRO A 469 34.17 -8.52 -4.43
CA PRO A 469 33.88 -8.63 -5.88
C PRO A 469 32.50 -8.07 -6.23
N PRO A 470 32.31 -7.67 -7.48
CA PRO A 470 30.97 -7.17 -7.87
C PRO A 470 29.89 -8.20 -7.57
N LEU A 471 28.70 -7.69 -7.26
CA LEU A 471 27.59 -8.56 -6.90
C LEU A 471 27.23 -9.46 -8.08
N PRO A 472 26.72 -10.67 -7.80
CA PRO A 472 26.44 -11.62 -8.89
C PRO A 472 25.25 -11.20 -9.75
N GLU A 473 25.11 -11.95 -10.85
CA GLU A 473 24.11 -11.64 -11.86
C GLU A 473 22.70 -11.73 -11.30
N TRP A 474 22.39 -12.79 -10.55
CA TRP A 474 21.03 -12.95 -10.06
C TRP A 474 20.63 -11.79 -9.14
N LYS A 475 21.55 -11.38 -8.27
CA LYS A 475 21.29 -10.27 -7.36
C LYS A 475 21.08 -8.96 -8.13
N THR A 476 21.99 -8.65 -9.06
CA THR A 476 21.87 -7.39 -9.81
C THR A 476 20.62 -7.39 -10.67
N SER A 477 20.26 -8.54 -11.23
CA SER A 477 19.06 -8.63 -12.05
C SER A 477 17.81 -8.38 -11.21
N ALA A 478 17.77 -8.94 -10.01
CA ALA A 478 16.65 -8.64 -9.12
C ALA A 478 16.59 -7.15 -8.82
N VAL A 479 17.75 -6.54 -8.50
CA VAL A 479 17.75 -5.11 -8.18
C VAL A 479 17.22 -4.30 -9.34
N GLN A 480 17.54 -4.72 -10.56
CA GLN A 480 17.02 -4.02 -11.74
C GLN A 480 15.51 -4.22 -11.87
N ARG A 481 15.05 -5.45 -11.70
CA ARG A 481 13.65 -5.76 -11.95
C ARG A 481 12.74 -5.03 -10.98
N MET A 482 13.04 -5.12 -9.68
CA MET A 482 12.14 -4.58 -8.68
C MET A 482 11.85 -3.10 -8.94
N GLY A 483 10.68 -2.66 -8.53
CA GLY A 483 10.32 -1.25 -8.61
C GLY A 483 10.61 -0.55 -7.30
N PHE A 484 11.08 0.69 -7.40
CA PHE A 484 11.26 1.54 -6.23
C PHE A 484 10.47 2.82 -6.45
N GLY A 485 9.35 2.94 -5.74
CA GLY A 485 8.42 4.02 -5.96
C GLY A 485 8.86 5.30 -5.29
N ASN A 486 7.95 6.27 -5.32
CA ASN A 486 8.20 7.59 -4.77
C ASN A 486 6.87 8.18 -4.33
N LEU A 487 6.93 9.04 -3.33
CA LEU A 487 5.74 9.59 -2.69
C LEU A 487 6.18 10.74 -1.79
N ASN A 488 5.47 11.87 -1.84
CA ASN A 488 5.94 13.05 -1.12
C ASN A 488 4.83 13.70 -0.31
N LYS A 489 5.26 14.52 0.64
CA LYS A 489 4.38 15.13 1.62
C LYS A 489 4.73 16.60 1.78
N VAL A 490 3.74 17.40 2.13
CA VAL A 490 3.88 18.83 2.39
C VAL A 490 3.22 19.10 3.73
N VAL A 491 4.00 19.58 4.69
CA VAL A 491 3.54 19.80 6.06
C VAL A 491 3.25 21.29 6.20
N LEU A 492 2.02 21.62 6.60
CA LEU A 492 1.52 22.98 6.76
C LEU A 492 1.12 23.16 8.22
N CYS A 493 1.70 24.15 8.89
CA CYS A 493 1.46 24.38 10.31
C CYS A 493 0.85 25.75 10.49
N PHE A 494 -0.40 25.76 10.96
CA PHE A 494 -1.21 26.96 11.16
C PHE A 494 -1.40 27.23 12.64
N ASP A 495 -1.82 28.45 12.96
CA ASP A 495 -2.07 28.81 14.35
C ASP A 495 -3.42 28.32 14.86
N ARG A 496 -4.41 28.19 13.98
CA ARG A 496 -5.73 27.72 14.36
C ARG A 496 -6.21 26.65 13.38
N VAL A 497 -7.15 25.84 13.85
CA VAL A 497 -7.78 24.81 13.02
C VAL A 497 -8.98 25.42 12.32
N PHE A 498 -8.94 25.44 10.99
CA PHE A 498 -10.04 25.96 10.19
C PHE A 498 -10.74 24.87 9.38
N TRP A 499 -10.41 23.61 9.61
CA TRP A 499 -11.03 22.49 8.93
C TRP A 499 -11.94 21.73 9.90
N ASP A 500 -12.63 20.72 9.38
CA ASP A 500 -13.56 19.93 10.19
C ASP A 500 -12.78 18.92 11.03
N PRO A 501 -12.82 19.01 12.36
CA PRO A 501 -12.02 18.07 13.17
C PRO A 501 -12.44 16.62 13.06
N SER A 502 -13.69 16.31 12.72
CA SER A 502 -14.14 14.93 12.70
C SER A 502 -13.77 14.19 11.42
N VAL A 503 -13.17 14.88 10.45
CA VAL A 503 -12.63 14.24 9.25
C VAL A 503 -11.11 14.31 9.36
N ASN A 504 -10.47 13.14 9.38
CA ASN A 504 -9.02 13.10 9.35
C ASN A 504 -8.48 13.32 7.94
N LEU A 505 -9.26 12.97 6.93
CA LEU A 505 -8.82 13.00 5.54
C LEU A 505 -9.82 13.78 4.70
N PHE A 506 -9.33 14.52 3.71
CA PHE A 506 -10.21 15.02 2.67
C PHE A 506 -9.44 15.17 1.37
N GLY A 507 -10.12 14.88 0.27
CA GLY A 507 -9.49 14.80 -1.03
C GLY A 507 -9.77 16.01 -1.90
N HIS A 508 -8.85 16.26 -2.83
CA HIS A 508 -8.99 17.29 -3.85
C HIS A 508 -8.88 16.61 -5.21
N VAL A 509 -9.91 16.73 -6.02
CA VAL A 509 -9.96 16.03 -7.30
C VAL A 509 -9.26 16.88 -8.35
N GLY A 510 -8.24 16.30 -8.98
CA GLY A 510 -7.46 17.03 -9.97
C GLY A 510 -8.18 17.19 -11.29
N SER A 511 -7.64 18.08 -12.11
CA SER A 511 -8.26 18.38 -13.40
C SER A 511 -7.87 17.37 -14.48
N THR A 512 -6.62 16.92 -14.47
CA THR A 512 -6.10 16.07 -15.54
C THR A 512 -5.77 14.68 -15.02
N THR A 513 -5.90 13.69 -15.91
CA THR A 513 -5.46 12.33 -15.57
C THR A 513 -3.95 12.31 -15.32
N ALA A 514 -3.19 13.10 -16.08
CA ALA A 514 -1.74 13.11 -15.92
C ALA A 514 -1.35 13.63 -14.53
N SER A 515 -2.09 14.60 -14.00
CA SER A 515 -1.76 15.24 -12.74
C SER A 515 -2.72 14.88 -11.62
N ARG A 516 -3.49 13.79 -11.80
CA ARG A 516 -4.43 13.36 -10.77
C ARG A 516 -3.79 13.22 -9.39
N GLY A 517 -2.50 12.94 -9.31
CA GLY A 517 -1.85 12.70 -8.05
C GLY A 517 -1.23 13.91 -7.38
N GLU A 518 -1.48 15.12 -7.89
CA GLU A 518 -0.90 16.33 -7.34
C GLU A 518 -1.80 16.85 -6.21
N LEU A 519 -1.26 16.85 -4.99
CA LEU A 519 -1.97 17.37 -3.82
C LEU A 519 -3.39 16.84 -3.77
N PHE A 520 -3.53 15.53 -4.00
CA PHE A 520 -4.84 14.90 -4.06
C PHE A 520 -5.44 14.61 -2.70
N LEU A 521 -4.61 14.57 -1.64
CA LEU A 521 -5.08 14.15 -0.33
C LEU A 521 -4.54 15.08 0.75
N PHE A 522 -5.36 15.35 1.76
CA PHE A 522 -4.95 16.13 2.92
C PHE A 522 -5.31 15.37 4.19
N TRP A 523 -4.35 15.25 5.11
CA TRP A 523 -4.56 14.70 6.44
C TRP A 523 -4.69 15.83 7.44
N ASN A 524 -5.76 15.79 8.24
CA ASN A 524 -5.89 16.60 9.44
C ASN A 524 -5.92 15.71 10.69
N LEU A 525 -5.19 14.60 10.65
CA LEU A 525 -5.22 13.59 11.70
C LEU A 525 -4.47 14.03 12.95
N TYR A 526 -3.52 14.93 12.81
CA TYR A 526 -2.81 15.44 13.97
C TYR A 526 -3.73 16.33 14.80
N LYS A 527 -3.86 16.02 16.09
CA LYS A 527 -4.79 16.76 16.94
C LYS A 527 -4.37 18.22 17.11
N ALA A 528 -3.10 18.52 16.91
CA ALA A 528 -2.64 19.91 16.83
C ALA A 528 -2.93 20.43 15.42
N PRO A 529 -2.72 21.73 15.18
CA PRO A 529 -3.13 22.31 13.87
C PRO A 529 -2.11 22.11 12.76
N ILE A 530 -1.92 20.86 12.34
CA ILE A 530 -1.02 20.51 11.26
C ILE A 530 -1.82 19.82 10.15
N LEU A 531 -1.54 20.21 8.91
CA LEU A 531 -2.21 19.69 7.73
C LEU A 531 -1.17 19.11 6.78
N LEU A 532 -1.45 17.94 6.23
CA LEU A 532 -0.44 17.19 5.45
C LEU A 532 -0.99 16.90 4.07
N ALA A 533 -0.32 17.42 3.03
CA ALA A 533 -0.77 17.32 1.66
C ALA A 533 0.10 16.34 0.89
N LEU A 534 -0.51 15.47 0.09
CA LEU A 534 0.21 14.35 -0.49
C LEU A 534 0.39 14.48 -2.00
N VAL A 535 1.53 13.98 -2.48
CA VAL A 535 1.87 13.97 -3.90
C VAL A 535 2.20 12.52 -4.26
N ALA A 536 1.35 11.91 -5.09
CA ALA A 536 1.47 10.52 -5.51
C ALA A 536 1.68 10.45 -7.02
N GLY A 537 2.01 9.24 -7.49
CA GLY A 537 2.09 8.94 -8.91
C GLY A 537 3.08 9.81 -9.65
N GLU A 538 2.77 10.04 -10.92
CA GLU A 538 3.66 10.82 -11.79
C GLU A 538 3.97 12.18 -11.22
N ALA A 539 3.09 12.73 -10.39
CA ALA A 539 3.32 14.05 -9.81
C ALA A 539 4.47 14.05 -8.82
N ALA A 540 4.69 12.94 -8.12
CA ALA A 540 5.70 12.89 -7.07
C ALA A 540 7.09 13.26 -7.62
N GLY A 541 7.54 12.54 -8.64
CA GLY A 541 8.86 12.81 -9.20
C GLY A 541 9.00 14.22 -9.73
N ILE A 542 7.96 14.72 -10.39
CA ILE A 542 8.07 16.00 -11.08
C ILE A 542 8.06 17.16 -10.10
N MET A 543 7.15 17.13 -9.11
CA MET A 543 6.97 18.28 -8.24
C MET A 543 8.12 18.47 -7.26
N GLU A 544 9.03 17.50 -7.12
CA GLU A 544 10.26 17.73 -6.38
C GLU A 544 11.05 18.87 -7.02
N ASN A 545 10.88 19.09 -8.32
CA ASN A 545 11.57 20.14 -9.05
C ASN A 545 10.90 21.50 -8.91
N ILE A 546 9.91 21.62 -8.04
CA ILE A 546 9.22 22.88 -7.77
C ILE A 546 9.71 23.42 -6.44
N SER A 547 9.79 24.73 -6.34
CA SER A 547 10.22 25.33 -5.08
C SER A 547 9.12 25.23 -4.03
N ASP A 548 9.55 25.30 -2.77
CA ASP A 548 8.64 25.07 -1.65
C ASP A 548 7.62 26.19 -1.52
N ASP A 549 8.04 27.43 -1.75
CA ASP A 549 7.08 28.53 -1.73
C ASP A 549 5.97 28.30 -2.74
N VAL A 550 6.30 27.81 -3.93
CA VAL A 550 5.31 27.63 -4.99
C VAL A 550 4.37 26.47 -4.66
N ILE A 551 4.93 25.35 -4.17
CA ILE A 551 4.07 24.23 -3.78
C ILE A 551 3.11 24.67 -2.67
N VAL A 552 3.60 25.48 -1.72
CA VAL A 552 2.74 25.91 -0.62
C VAL A 552 1.68 26.89 -1.11
N GLY A 553 2.03 27.75 -2.07
CA GLY A 553 1.03 28.60 -2.68
C GLY A 553 -0.09 27.79 -3.32
N ARG A 554 0.27 26.73 -4.03
CA ARG A 554 -0.75 25.89 -4.67
C ARG A 554 -1.62 25.18 -3.63
N CYS A 555 -1.01 24.67 -2.57
CA CYS A 555 -1.77 24.08 -1.47
C CYS A 555 -2.76 25.10 -0.88
N LEU A 556 -2.27 26.31 -0.60
CA LEU A 556 -3.11 27.36 -0.07
C LEU A 556 -4.26 27.68 -1.01
N ALA A 557 -3.99 27.68 -2.32
CA ALA A 557 -5.05 27.93 -3.28
C ALA A 557 -6.16 26.89 -3.18
N ILE A 558 -5.78 25.61 -3.12
CA ILE A 558 -6.78 24.55 -3.01
C ILE A 558 -7.59 24.72 -1.71
N LEU A 559 -6.90 24.98 -0.61
CA LEU A 559 -7.59 25.09 0.67
C LEU A 559 -8.48 26.32 0.73
N LYS A 560 -8.04 27.43 0.14
CA LYS A 560 -8.90 28.60 -0.01
C LYS A 560 -10.14 28.24 -0.79
N GLY A 561 -9.97 27.56 -1.92
CA GLY A 561 -11.13 27.18 -2.72
C GLY A 561 -12.14 26.36 -1.94
N ILE A 562 -11.64 25.50 -1.03
CA ILE A 562 -12.57 24.66 -0.30
C ILE A 562 -13.23 25.40 0.88
N PHE A 563 -12.53 26.33 1.54
CA PHE A 563 -13.02 26.89 2.79
C PHE A 563 -13.32 28.39 2.80
N GLY A 564 -12.93 29.15 1.77
CA GLY A 564 -13.03 30.60 1.79
C GLY A 564 -11.68 31.27 1.89
N SER A 565 -11.38 32.19 0.96
CA SER A 565 -10.07 32.81 0.90
C SER A 565 -9.68 33.48 2.21
N SER A 566 -10.67 33.99 2.95
CA SER A 566 -10.41 34.65 4.23
C SER A 566 -10.18 33.66 5.36
N ALA A 567 -10.59 32.40 5.19
CA ALA A 567 -10.61 31.44 6.29
C ALA A 567 -9.28 30.74 6.51
N VAL A 568 -8.42 30.66 5.50
CA VAL A 568 -7.12 30.02 5.64
C VAL A 568 -6.06 31.11 5.83
N PRO A 569 -5.40 31.18 6.97
CA PRO A 569 -4.30 32.14 7.13
C PRO A 569 -3.04 31.64 6.45
N GLN A 570 -2.06 32.53 6.37
CA GLN A 570 -0.74 32.10 5.92
C GLN A 570 -0.17 31.14 6.96
N PRO A 571 0.40 30.01 6.55
CA PRO A 571 0.87 29.03 7.54
C PRO A 571 2.11 29.54 8.27
N LYS A 572 2.22 29.13 9.52
CA LYS A 572 3.37 29.53 10.33
C LYS A 572 4.61 28.72 9.97
N GLU A 573 4.48 27.41 9.73
CA GLU A 573 5.64 26.61 9.36
C GLU A 573 5.30 25.67 8.20
N THR A 574 6.31 25.38 7.37
CA THR A 574 6.11 24.53 6.20
C THR A 574 7.34 23.65 5.96
N VAL A 575 7.09 22.42 5.52
CA VAL A 575 8.19 21.49 5.21
C VAL A 575 7.77 20.62 4.02
N VAL A 576 8.72 20.37 3.12
CA VAL A 576 8.46 19.56 1.93
C VAL A 576 9.49 18.44 1.87
N SER A 577 9.01 17.21 1.72
CA SER A 577 9.89 16.07 1.47
C SER A 577 10.15 15.92 -0.02
N ARG A 578 11.36 15.46 -0.36
CA ARG A 578 11.76 15.19 -1.75
C ARG A 578 12.55 13.88 -1.73
N TRP A 579 11.79 12.77 -1.65
CA TRP A 579 12.37 11.47 -1.35
C TRP A 579 13.12 10.86 -2.53
N ARG A 580 12.71 11.17 -3.76
CA ARG A 580 13.45 10.66 -4.91
C ARG A 580 14.77 11.37 -5.07
N ALA A 581 14.85 12.64 -4.67
CA ALA A 581 16.10 13.39 -4.75
C ALA A 581 17.00 13.13 -3.54
N ASP A 582 16.42 12.72 -2.40
CA ASP A 582 17.22 12.38 -1.23
C ASP A 582 18.27 11.34 -1.61
N PRO A 583 19.56 11.67 -1.57
CA PRO A 583 20.58 10.70 -2.03
C PRO A 583 20.68 9.46 -1.15
N TRP A 584 20.11 9.46 0.05
CA TRP A 584 20.15 8.33 0.95
C TRP A 584 18.88 7.47 0.87
N ALA A 585 17.99 7.78 -0.06
CA ALA A 585 16.75 7.03 -0.23
C ALA A 585 16.49 6.77 -1.72
N ARG A 586 16.40 7.83 -2.51
CA ARG A 586 16.19 7.72 -3.95
C ARG A 586 14.84 7.08 -4.25
N GLY A 587 13.84 7.47 -3.50
CA GLY A 587 12.50 6.99 -3.65
C GLY A 587 11.86 6.83 -2.29
N SER A 588 10.68 6.21 -2.28
CA SER A 588 9.91 6.03 -1.06
C SER A 588 10.03 4.62 -0.53
N TYR A 589 9.55 3.64 -1.28
CA TYR A 589 9.66 2.24 -0.92
C TYR A 589 9.40 1.40 -2.17
N SER A 590 9.82 0.15 -2.11
CA SER A 590 9.68 -0.73 -3.25
C SER A 590 8.20 -0.89 -3.60
N TYR A 591 7.97 -1.29 -4.85
CA TYR A 591 6.69 -1.82 -5.28
C TYR A 591 6.99 -2.99 -6.21
N VAL A 592 5.98 -3.80 -6.48
CA VAL A 592 6.16 -4.95 -7.36
C VAL A 592 6.00 -4.44 -8.79
N ALA A 593 7.13 -4.29 -9.49
CA ALA A 593 7.12 -3.86 -10.87
C ALA A 593 6.68 -5.00 -11.80
N ALA A 594 6.30 -4.63 -13.02
CA ALA A 594 5.76 -5.60 -13.96
C ALA A 594 6.73 -6.77 -14.18
N GLY A 595 8.00 -6.48 -14.40
CA GLY A 595 8.98 -7.53 -14.57
C GLY A 595 9.12 -8.42 -13.35
N SER A 596 9.06 -7.81 -12.16
CA SER A 596 9.41 -8.51 -10.94
C SER A 596 8.26 -9.37 -10.43
N SER A 597 8.52 -10.10 -9.35
CA SER A 597 7.52 -10.90 -8.66
C SER A 597 7.91 -10.98 -7.19
N GLY A 598 7.17 -11.80 -6.43
CA GLY A 598 7.51 -11.99 -5.04
C GLY A 598 8.88 -12.63 -4.85
N ASN A 599 9.24 -13.57 -5.73
CA ASN A 599 10.50 -14.30 -5.57
C ASN A 599 11.69 -13.35 -5.60
N ASP A 600 11.57 -12.20 -6.26
CA ASP A 600 12.67 -11.25 -6.29
C ASP A 600 12.98 -10.73 -4.88
N TYR A 601 11.95 -10.49 -4.07
CA TYR A 601 12.18 -10.10 -2.68
C TYR A 601 13.03 -11.15 -1.96
N ASP A 602 12.63 -12.41 -2.05
CA ASP A 602 13.43 -13.49 -1.47
C ASP A 602 14.85 -13.45 -1.99
N LEU A 603 15.02 -13.14 -3.28
CA LEU A 603 16.37 -13.11 -3.84
C LEU A 603 17.19 -11.99 -3.20
N MET A 604 16.55 -10.85 -2.97
CA MET A 604 17.23 -9.77 -2.25
C MET A 604 17.67 -10.25 -0.88
N ALA A 605 16.83 -11.03 -0.21
CA ALA A 605 17.16 -11.49 1.14
C ALA A 605 18.33 -12.47 1.15
N GLN A 606 18.46 -13.29 0.11
CA GLN A 606 19.52 -14.30 0.07
C GLN A 606 20.90 -13.65 0.25
N PRO A 607 21.80 -14.24 1.04
CA PRO A 607 23.15 -13.69 1.20
C PRO A 607 24.14 -14.21 0.17
N ILE A 608 25.33 -13.59 0.17
CA ILE A 608 26.37 -13.85 -0.83
C ILE A 608 27.55 -14.54 -0.15
N THR A 609 28.14 -15.51 -0.85
CA THR A 609 29.32 -16.22 -0.37
C THR A 609 30.41 -16.17 -1.43
N PRO A 610 31.63 -15.71 -1.10
CA PRO A 610 32.74 -15.76 -2.07
C PRO A 610 33.32 -17.16 -2.21
N PRO A 620 33.50 -22.75 2.03
CA PRO A 620 33.36 -21.32 2.31
C PRO A 620 32.10 -20.98 3.10
N ILE A 621 31.99 -19.74 3.56
CA ILE A 621 30.83 -19.29 4.33
C ILE A 621 30.38 -17.94 3.80
N PRO A 622 29.15 -17.54 4.09
CA PRO A 622 28.67 -16.25 3.59
C PRO A 622 29.22 -15.08 4.39
N ARG A 623 29.52 -14.00 3.66
CA ARG A 623 30.11 -12.80 4.25
C ARG A 623 29.20 -11.57 4.17
N LEU A 624 28.43 -11.44 3.10
CA LEU A 624 27.61 -10.24 2.87
C LEU A 624 26.14 -10.61 2.98
N PHE A 625 25.43 -9.93 3.89
CA PHE A 625 24.03 -10.20 4.17
C PHE A 625 23.19 -8.96 3.85
N PHE A 626 21.89 -9.19 3.67
CA PHE A 626 20.98 -8.14 3.21
C PHE A 626 19.70 -8.15 4.02
N ALA A 627 19.30 -6.97 4.49
CA ALA A 627 18.02 -6.77 5.13
C ALA A 627 17.47 -5.43 4.66
N GLY A 628 16.21 -5.18 5.00
CA GLY A 628 15.58 -3.94 4.59
C GLY A 628 14.17 -4.14 4.06
N GLU A 629 13.49 -3.03 3.78
CA GLU A 629 12.12 -3.07 3.31
C GLU A 629 11.96 -3.92 2.05
N HIS A 630 13.00 -3.99 1.22
CA HIS A 630 12.94 -4.65 -0.07
C HIS A 630 13.35 -6.12 -0.03
N THR A 631 13.47 -6.72 1.16
CA THR A 631 13.95 -8.09 1.27
C THR A 631 12.97 -9.03 1.94
N ILE A 632 11.78 -8.56 2.30
CA ILE A 632 10.81 -9.40 3.01
C ILE A 632 9.59 -9.53 2.11
N ARG A 633 9.43 -10.72 1.52
CA ARG A 633 8.34 -11.02 0.60
C ARG A 633 7.00 -10.54 1.13
N ASN A 634 6.65 -10.95 2.35
CA ASN A 634 5.28 -10.87 2.84
C ASN A 634 4.95 -9.54 3.51
N TYR A 635 5.94 -8.68 3.78
CA TYR A 635 5.67 -7.42 4.44
C TYR A 635 6.48 -6.28 3.83
N PRO A 636 6.54 -6.16 2.51
CA PRO A 636 7.39 -5.13 1.91
C PRO A 636 6.82 -3.74 2.14
N ALA A 637 7.65 -2.75 1.82
CA ALA A 637 7.27 -1.34 1.84
C ALA A 637 6.73 -0.89 3.19
N THR A 638 7.20 -1.48 4.30
CA THR A 638 6.68 -1.13 5.61
C THR A 638 7.76 -1.14 6.69
N VAL A 639 7.47 -0.41 7.77
CA VAL A 639 8.37 -0.36 8.92
C VAL A 639 8.44 -1.72 9.61
N HIS A 640 7.29 -2.39 9.78
CA HIS A 640 7.31 -3.70 10.42
C HIS A 640 8.02 -4.73 9.54
N GLY A 641 7.91 -4.60 8.22
CA GLY A 641 8.70 -5.45 7.35
C GLY A 641 10.19 -5.23 7.52
N ALA A 642 10.61 -3.96 7.58
CA ALA A 642 12.01 -3.65 7.88
C ALA A 642 12.44 -4.28 9.20
N LEU A 643 11.61 -4.14 10.23
CA LEU A 643 11.93 -4.69 11.55
C LEU A 643 12.11 -6.21 11.49
N LEU A 644 11.18 -6.89 10.84
CA LEU A 644 11.23 -8.34 10.77
C LEU A 644 12.43 -8.82 9.95
N SER A 645 12.78 -8.09 8.88
CA SER A 645 13.97 -8.45 8.11
C SER A 645 15.23 -8.28 8.96
N GLY A 646 15.29 -7.22 9.76
CA GLY A 646 16.42 -7.05 10.66
C GLY A 646 16.56 -8.19 11.63
N LEU A 647 15.45 -8.61 12.24
CA LEU A 647 15.48 -9.73 13.17
C LEU A 647 15.91 -11.02 12.47
N ARG A 648 15.37 -11.26 11.27
CA ARG A 648 15.71 -12.44 10.49
C ARG A 648 17.20 -12.51 10.21
N GLU A 649 17.79 -11.40 9.76
CA GLU A 649 19.21 -11.44 9.41
C GLU A 649 20.09 -11.49 10.66
N ALA A 650 19.66 -10.89 11.77
CA ALA A 650 20.38 -11.09 13.02
C ALA A 650 20.45 -12.56 13.35
N GLY A 651 19.31 -13.25 13.27
CA GLY A 651 19.31 -14.69 13.50
C GLY A 651 20.24 -15.43 12.57
N ARG A 652 20.19 -15.08 11.28
CA ARG A 652 21.02 -15.78 10.29
C ARG A 652 22.51 -15.60 10.59
N ILE A 653 22.93 -14.37 10.87
CA ILE A 653 24.34 -14.09 11.12
C ILE A 653 24.79 -14.74 12.43
N ALA A 654 23.95 -14.72 13.46
CA ALA A 654 24.31 -15.37 14.71
C ALA A 654 24.43 -16.88 14.52
N ASP A 655 23.54 -17.47 13.71
CA ASP A 655 23.67 -18.88 13.40
C ASP A 655 24.99 -19.17 12.71
N GLN A 656 25.39 -18.31 11.77
CA GLN A 656 26.63 -18.55 11.03
C GLN A 656 27.85 -18.44 11.95
N PHE A 657 27.92 -17.39 12.78
CA PHE A 657 29.15 -17.07 13.49
C PHE A 657 29.17 -17.55 14.94
N LEU A 658 28.10 -18.18 15.42
CA LEU A 658 28.10 -18.78 16.75
C LEU A 658 27.67 -20.24 16.64
#